data_4F1Q
#
_entry.id   4F1Q
#
_cell.length_a   82.676
_cell.length_b   144.986
_cell.length_c   83.333
_cell.angle_alpha   90.00
_cell.angle_beta   90.00
_cell.angle_gamma   90.00
#
_symmetry.space_group_name_H-M   'C 2 2 21'
#
loop_
_entity.id
_entity.type
_entity.pdbx_description
1 polymer 'Poly [ADP-ribose] polymerase 14'
2 non-polymer '(2E)-4-[(3-carbamoylphenyl)amino]-4-oxobut-2-enoic acid'
3 non-polymer 'NITRATE ION'
#
_entity_poly.entity_id   1
_entity_poly.type   'polypeptide(L)'
_entity_poly.pdbx_seq_one_letter_code
;SMDMKQQNFCVVELLPSDPEYNTVASKFNQTCSHFRIEKIERIQNPDLWNSYQAKKKTMDAKNGQTMNEKQLFHGTDAGS
VPHVNRNGFNRSYAGKNAVAYGKGTYFAVNANYSANDTYSRPDANGRKHVYYVRVLTGIYTHGNHSLIVPPSKNPQNPTD
LYDTVTDNVHHPSLFVAFYDYQAYPEYLITFRK
;
_entity_poly.pdbx_strand_id   A,B
#
loop_
_chem_comp.id
_chem_comp.type
_chem_comp.name
_chem_comp.formula
0RZ non-polymer '(2E)-4-[(3-carbamoylphenyl)amino]-4-oxobut-2-enoic acid' 'C11 H10 N2 O4'
NO3 non-polymer 'NITRATE ION' 'N O3 -1'
#
# COMPACT_ATOMS: atom_id res chain seq x y z
N LYS A 5 2.15 2.32 -20.14
CA LYS A 5 2.40 1.18 -19.21
C LYS A 5 2.52 1.65 -17.74
N GLN A 6 1.38 1.78 -17.06
CA GLN A 6 1.32 2.40 -15.73
C GLN A 6 1.41 1.43 -14.55
N GLN A 7 1.51 0.15 -14.86
CA GLN A 7 1.88 -0.86 -13.86
C GLN A 7 0.97 -0.91 -12.63
N ASN A 8 -0.34 -0.79 -12.88
CA ASN A 8 -1.32 -0.99 -11.86
C ASN A 8 -1.21 -2.41 -11.35
N PHE A 9 -1.90 -2.69 -10.25
CA PHE A 9 -1.71 -3.96 -9.59
C PHE A 9 -2.90 -4.36 -8.73
N CYS A 10 -3.05 -5.65 -8.48
CA CYS A 10 -3.98 -6.13 -7.48
C CYS A 10 -3.24 -6.89 -6.41
N VAL A 11 -3.81 -6.92 -5.22
CA VAL A 11 -3.29 -7.70 -4.12
C VAL A 11 -4.30 -8.79 -3.83
N VAL A 12 -3.86 -10.05 -3.91
CA VAL A 12 -4.71 -11.19 -3.57
C VAL A 12 -4.18 -11.91 -2.35
N GLU A 13 -5.01 -12.06 -1.31
CA GLU A 13 -4.61 -12.79 -0.10
C GLU A 13 -4.37 -14.27 -0.43
N LEU A 14 -3.32 -14.86 0.12
CA LEU A 14 -2.99 -16.26 -0.17
C LEU A 14 -3.68 -17.13 0.85
N LEU A 15 -4.56 -18.02 0.40
CA LEU A 15 -5.28 -18.92 1.32
C LEU A 15 -4.33 -19.98 1.90
N PRO A 16 -4.41 -20.19 3.23
CA PRO A 16 -3.66 -21.25 3.93
C PRO A 16 -3.69 -22.55 3.16
N SER A 17 -4.88 -22.88 2.66
CA SER A 17 -5.12 -23.99 1.74
C SER A 17 -4.19 -24.07 0.51
N ASP A 18 -3.70 -22.94 0.03
CA ASP A 18 -2.98 -22.90 -1.24
C ASP A 18 -1.61 -23.54 -1.10
N PRO A 19 -1.28 -24.49 -2.00
CA PRO A 19 0.05 -25.08 -1.96
C PRO A 19 1.13 -24.01 -1.80
N GLU A 20 1.07 -23.02 -2.68
CA GLU A 20 1.95 -21.84 -2.67
C GLU A 20 2.27 -21.38 -1.25
N TYR A 21 1.21 -21.17 -0.46
CA TYR A 21 1.32 -20.62 0.91
C TYR A 21 2.34 -21.37 1.74
N ASN A 22 2.28 -22.69 1.71
CA ASN A 22 3.20 -23.46 2.51
C ASN A 22 4.66 -23.30 2.11
N THR A 23 4.91 -23.09 0.82
CA THR A 23 6.27 -22.91 0.36
C THR A 23 6.88 -21.62 0.91
N VAL A 24 6.12 -20.53 0.92
CA VAL A 24 6.61 -19.26 1.44
C VAL A 24 6.80 -19.32 2.96
N ALA A 25 5.85 -19.94 3.64
CA ALA A 25 5.90 -20.13 5.08
C ALA A 25 7.14 -20.92 5.50
N SER A 26 7.41 -22.03 4.81
CA SER A 26 8.56 -22.88 5.14
C SER A 26 9.84 -22.09 5.04
N LYS A 27 10.01 -21.41 3.90
CA LYS A 27 11.25 -20.70 3.67
C LYS A 27 11.39 -19.57 4.70
N PHE A 28 10.29 -18.87 5.01
CA PHE A 28 10.28 -17.89 6.08
C PHE A 28 10.67 -18.55 7.38
N ASN A 29 10.12 -19.74 7.63
CA ASN A 29 10.29 -20.38 8.94
C ASN A 29 11.67 -20.99 9.21
N GLN A 30 12.51 -21.08 8.19
CA GLN A 30 13.86 -21.57 8.39
C GLN A 30 14.60 -20.75 9.45
N THR A 31 14.41 -19.44 9.42
CA THR A 31 15.13 -18.55 10.30
C THR A 31 14.23 -17.62 11.11
N CYS A 32 12.92 -17.60 10.80
CA CYS A 32 11.95 -16.75 11.54
C CYS A 32 10.73 -17.47 12.09
N SER A 33 10.90 -18.63 12.71
CA SER A 33 9.73 -19.32 13.28
C SER A 33 9.29 -18.75 14.63
N HIS A 34 10.03 -17.81 15.19
CA HIS A 34 9.64 -17.14 16.44
C HIS A 34 8.69 -15.93 16.23
N PHE A 35 8.49 -15.53 14.97
CA PHE A 35 7.50 -14.52 14.62
C PHE A 35 6.17 -15.19 14.27
N ARG A 36 5.06 -14.48 14.46
CA ARG A 36 3.72 -14.99 14.13
C ARG A 36 3.24 -14.41 12.79
N ILE A 37 3.00 -15.27 11.80
CA ILE A 37 2.51 -14.82 10.50
C ILE A 37 1.02 -14.48 10.55
N GLU A 38 0.67 -13.27 10.14
CA GLU A 38 -0.73 -12.85 9.99
C GLU A 38 -1.29 -13.24 8.64
N LYS A 39 -0.51 -13.05 7.58
CA LYS A 39 -0.98 -13.32 6.24
C LYS A 39 0.13 -13.24 5.21
N ILE A 40 -0.13 -13.81 4.05
CA ILE A 40 0.74 -13.80 2.93
C ILE A 40 -0.13 -13.36 1.76
N GLU A 41 0.34 -12.41 0.98
CA GLU A 41 -0.41 -11.91 -0.17
C GLU A 41 0.40 -12.10 -1.42
N ARG A 42 -0.29 -12.31 -2.53
CA ARG A 42 0.35 -12.32 -3.85
C ARG A 42 0.11 -10.97 -4.54
N ILE A 43 1.17 -10.42 -5.15
CA ILE A 43 1.08 -9.14 -5.83
C ILE A 43 1.01 -9.40 -7.33
N GLN A 44 -0.07 -8.98 -7.97
CA GLN A 44 -0.30 -9.24 -9.40
C GLN A 44 -0.20 -7.96 -10.22
N ASN A 45 0.94 -7.78 -10.88
CA ASN A 45 1.24 -6.54 -11.60
C ASN A 45 1.75 -6.86 -13.00
N PRO A 46 0.86 -7.14 -13.95
CA PRO A 46 1.17 -7.63 -15.31
C PRO A 46 2.26 -6.88 -16.07
N ASP A 47 2.26 -5.55 -16.03
CA ASP A 47 3.28 -4.77 -16.72
C ASP A 47 4.65 -5.00 -16.08
N LEU A 48 4.70 -4.90 -14.76
CA LEU A 48 5.92 -5.14 -13.98
C LEU A 48 6.44 -6.57 -14.18
N TRP A 49 5.49 -7.50 -14.22
CA TRP A 49 5.79 -8.91 -14.36
C TRP A 49 6.35 -9.18 -15.75
N ASN A 50 5.70 -8.62 -16.77
CA ASN A 50 6.16 -8.76 -18.15
C ASN A 50 7.55 -8.21 -18.33
N SER A 51 7.76 -7.01 -17.84
CA SER A 51 9.06 -6.39 -17.95
C SER A 51 10.13 -7.20 -17.21
N TYR A 52 9.75 -7.80 -16.08
CA TYR A 52 10.63 -8.75 -15.36
C TYR A 52 10.98 -9.98 -16.23
N GLN A 53 9.94 -10.64 -16.77
CA GLN A 53 10.16 -11.77 -17.67
C GLN A 53 11.02 -11.41 -18.90
N ALA A 54 10.91 -10.19 -19.40
CA ALA A 54 11.70 -9.74 -20.55
C ALA A 54 13.19 -9.79 -20.19
N LYS A 55 13.54 -9.17 -19.07
CA LYS A 55 14.92 -9.25 -18.62
C LYS A 55 15.37 -10.69 -18.38
N LYS A 56 14.48 -11.57 -17.91
CA LYS A 56 14.87 -12.96 -17.64
C LYS A 56 15.14 -13.72 -18.95
N LYS A 57 14.20 -13.63 -19.89
CA LYS A 57 14.38 -14.16 -21.25
C LYS A 57 15.75 -13.73 -21.85
N THR A 58 16.07 -12.44 -21.71
CA THR A 58 17.37 -11.93 -22.14
C THR A 58 18.50 -12.60 -21.35
N MET A 59 18.35 -12.63 -20.02
CA MET A 59 19.43 -13.12 -19.15
C MET A 59 19.65 -14.62 -19.29
N ASP A 60 18.61 -15.40 -19.53
CA ASP A 60 18.76 -16.83 -19.73
C ASP A 60 19.62 -17.13 -20.95
N ALA A 61 19.19 -16.62 -22.09
CA ALA A 61 19.93 -16.75 -23.36
C ALA A 61 21.35 -16.19 -23.30
N LYS A 62 21.70 -15.42 -22.26
CA LYS A 62 23.03 -14.81 -22.15
C LYS A 62 23.97 -15.61 -21.22
N ASN A 63 23.44 -16.19 -20.14
CA ASN A 63 24.27 -16.84 -19.13
C ASN A 63 24.33 -18.38 -19.19
N GLY A 64 23.96 -18.93 -20.34
CA GLY A 64 24.09 -20.34 -20.60
C GLY A 64 23.39 -21.19 -19.55
N GLN A 65 24.18 -21.89 -18.74
CA GLN A 65 23.66 -22.90 -17.82
C GLN A 65 23.32 -22.33 -16.46
N THR A 66 23.64 -21.07 -16.24
CA THR A 66 23.34 -20.40 -14.98
C THR A 66 21.85 -20.33 -14.71
N MET A 67 21.47 -20.62 -13.46
CA MET A 67 20.12 -20.38 -12.99
C MET A 67 20.11 -18.93 -12.57
N ASN A 68 19.53 -18.06 -13.39
CA ASN A 68 19.57 -16.62 -13.13
C ASN A 68 18.74 -16.18 -11.92
N GLU A 69 17.71 -16.95 -11.60
CA GLU A 69 16.69 -16.55 -10.64
C GLU A 69 16.87 -17.19 -9.28
N LYS A 70 16.72 -16.37 -8.25
CA LYS A 70 16.60 -16.85 -6.89
C LYS A 70 15.40 -16.15 -6.25
N GLN A 71 14.95 -16.71 -5.13
CA GLN A 71 13.90 -16.12 -4.33
C GLN A 71 14.50 -15.66 -3.01
N LEU A 72 14.49 -14.34 -2.81
CA LEU A 72 15.15 -13.71 -1.68
C LEU A 72 14.17 -12.82 -0.93
N PHE A 73 14.57 -12.39 0.26
CA PHE A 73 13.70 -11.60 1.13
C PHE A 73 14.08 -10.14 1.15
N HIS A 74 13.09 -9.27 1.28
CA HIS A 74 13.36 -7.85 1.45
C HIS A 74 12.31 -7.23 2.34
N GLY A 75 12.79 -6.65 3.45
CA GLY A 75 11.97 -5.99 4.44
C GLY A 75 11.89 -4.50 4.18
N THR A 76 10.72 -3.94 4.50
CA THR A 76 10.41 -2.54 4.20
C THR A 76 9.33 -2.04 5.15
N ASP A 77 9.25 -0.73 5.32
CA ASP A 77 8.20 -0.14 6.13
C ASP A 77 6.81 -0.22 5.43
N ALA A 78 5.74 0.04 6.19
CA ALA A 78 4.40 -0.05 5.65
C ALA A 78 4.23 0.95 4.48
N GLY A 79 4.76 2.15 4.70
CA GLY A 79 4.67 3.22 3.72
C GLY A 79 5.16 2.85 2.35
N SER A 80 6.22 2.05 2.28
CA SER A 80 6.78 1.69 0.99
C SER A 80 6.01 0.60 0.25
N VAL A 81 5.08 -0.06 0.93
CA VAL A 81 4.42 -1.23 0.38
C VAL A 81 3.67 -0.92 -0.89
N PRO A 82 2.91 0.19 -0.91
CA PRO A 82 2.25 0.55 -2.17
C PRO A 82 3.25 0.89 -3.26
N HIS A 83 4.25 1.68 -2.92
CA HIS A 83 5.30 2.02 -3.87
C HIS A 83 5.91 0.76 -4.50
N VAL A 84 6.24 -0.23 -3.66
CA VAL A 84 6.87 -1.43 -4.15
C VAL A 84 5.90 -2.27 -4.99
N ASN A 85 4.63 -2.30 -4.60
CA ASN A 85 3.65 -3.06 -5.37
C ASN A 85 3.52 -2.55 -6.80
N ARG A 86 3.62 -1.23 -6.98
CA ARG A 86 3.53 -0.63 -8.31
C ARG A 86 4.83 -0.65 -9.11
N ASN A 87 5.94 -0.27 -8.47
CA ASN A 87 7.19 -0.01 -9.19
C ASN A 87 8.30 -1.00 -8.86
N GLY A 88 7.97 -2.14 -8.26
CA GLY A 88 8.99 -3.06 -7.76
C GLY A 88 10.06 -2.35 -6.95
N PHE A 89 11.33 -2.54 -7.33
CA PHE A 89 12.44 -1.95 -6.60
C PHE A 89 13.24 -1.00 -7.49
N ASN A 90 12.60 -0.57 -8.57
CA ASN A 90 13.21 0.33 -9.52
C ASN A 90 13.54 1.70 -8.92
N ARG A 91 14.65 2.26 -9.40
CA ARG A 91 15.08 3.67 -9.18
C ARG A 91 14.63 4.38 -7.89
N SER A 92 13.41 4.94 -7.90
CA SER A 92 12.98 6.01 -6.95
C SER A 92 12.56 5.52 -5.55
N TYR A 93 13.42 4.72 -4.91
CA TYR A 93 13.08 3.97 -3.68
C TYR A 93 13.95 4.37 -2.48
N ALA A 94 13.34 4.97 -1.45
CA ALA A 94 14.06 5.46 -0.26
C ALA A 94 14.36 4.35 0.77
N GLY A 95 13.50 3.33 0.83
CA GLY A 95 13.69 2.17 1.71
C GLY A 95 14.81 1.26 1.22
N ALA A 100 27.93 -1.51 2.94
CA ALA A 100 29.06 -1.25 2.07
C ALA A 100 29.19 -2.39 1.07
N TYR A 101 28.37 -2.32 0.02
CA TYR A 101 28.31 -3.33 -1.04
C TYR A 101 27.70 -2.78 -2.35
N GLY A 102 26.83 -1.77 -2.23
CA GLY A 102 26.31 -1.07 -3.42
C GLY A 102 25.26 0.02 -3.18
N LYS A 103 24.93 0.71 -4.27
CA LYS A 103 23.82 1.66 -4.32
C LYS A 103 22.70 1.03 -5.19
N GLY A 104 22.36 -0.20 -4.86
CA GLY A 104 21.30 -0.89 -5.55
C GLY A 104 20.29 -1.23 -4.49
N THR A 105 19.66 -2.39 -4.63
CA THR A 105 18.72 -2.86 -3.65
C THR A 105 19.22 -4.18 -3.10
N TYR A 106 19.24 -4.28 -1.78
CA TYR A 106 19.71 -5.45 -1.07
C TYR A 106 18.58 -6.47 -0.93
N PHE A 107 18.95 -7.74 -1.03
CA PHE A 107 18.04 -8.84 -0.82
C PHE A 107 18.72 -9.93 -0.03
N ALA A 108 17.98 -10.55 0.89
CA ALA A 108 18.51 -11.49 1.84
C ALA A 108 18.12 -12.91 1.47
N VAL A 109 19.08 -13.82 1.59
CA VAL A 109 18.83 -15.25 1.40
C VAL A 109 17.94 -15.80 2.51
N ASN A 110 18.11 -15.28 3.74
CA ASN A 110 17.36 -15.69 4.91
C ASN A 110 16.41 -14.62 5.44
N ALA A 111 15.16 -15.00 5.68
CA ALA A 111 14.17 -14.08 6.19
C ALA A 111 14.62 -13.31 7.42
N ASN A 112 15.40 -13.94 8.30
CA ASN A 112 15.77 -13.33 9.60
C ASN A 112 16.52 -12.01 9.49
N TYR A 113 17.25 -11.89 8.41
CA TYR A 113 17.98 -10.70 8.15
C TYR A 113 16.98 -9.55 7.94
N SER A 114 16.09 -9.76 6.98
CA SER A 114 15.03 -8.83 6.63
C SER A 114 14.06 -8.51 7.76
N ALA A 115 13.95 -9.42 8.72
CA ALA A 115 13.01 -9.31 9.84
C ALA A 115 13.53 -8.38 10.92
N ASN A 116 14.73 -7.84 10.74
CA ASN A 116 15.23 -6.77 11.56
C ASN A 116 14.28 -5.57 11.52
N ASP A 117 14.01 -4.97 12.67
CA ASP A 117 13.11 -3.80 12.74
C ASP A 117 13.59 -2.63 11.89
N THR A 118 14.88 -2.56 11.61
CA THR A 118 15.40 -1.49 10.77
C THR A 118 14.99 -1.61 9.30
N TYR A 119 14.59 -2.79 8.86
CA TYR A 119 14.09 -2.94 7.50
C TYR A 119 12.59 -3.19 7.56
N SER A 120 12.18 -4.23 8.28
CA SER A 120 10.78 -4.57 8.42
C SER A 120 10.19 -3.84 9.63
N ARG A 121 10.14 -2.51 9.52
CA ARG A 121 9.78 -1.62 10.62
C ARG A 121 8.34 -1.86 11.04
N PRO A 122 8.13 -2.15 12.33
CA PRO A 122 6.74 -2.34 12.75
C PRO A 122 5.87 -1.11 12.54
N ASP A 123 4.64 -1.30 12.06
CA ASP A 123 3.67 -0.21 11.97
C ASP A 123 2.94 0.04 13.33
N ALA A 124 1.90 0.87 13.33
CA ALA A 124 1.19 1.18 14.58
C ALA A 124 0.65 -0.08 15.28
N ASN A 125 0.09 -0.98 14.49
CA ASN A 125 -0.45 -2.24 14.99
C ASN A 125 0.62 -3.31 15.18
N GLY A 126 1.88 -2.91 15.07
CA GLY A 126 3.01 -3.79 15.39
C GLY A 126 3.32 -4.81 14.30
N ARG A 127 2.86 -4.53 13.09
CA ARG A 127 2.97 -5.45 11.97
C ARG A 127 4.17 -5.17 11.06
N LYS A 128 4.97 -6.20 10.82
CA LYS A 128 6.15 -6.10 9.98
C LYS A 128 5.90 -6.73 8.62
N HIS A 129 6.56 -6.20 7.60
CA HIS A 129 6.37 -6.64 6.21
C HIS A 129 7.69 -6.98 5.53
N VAL A 130 7.74 -8.20 5.01
CA VAL A 130 8.87 -8.71 4.25
C VAL A 130 8.31 -9.33 2.99
N TYR A 131 8.82 -8.87 1.85
CA TYR A 131 8.55 -9.49 0.57
C TYR A 131 9.39 -10.73 0.35
N TYR A 132 8.88 -11.63 -0.46
CA TYR A 132 9.59 -12.81 -0.90
C TYR A 132 9.59 -12.59 -2.39
N VAL A 133 10.77 -12.33 -2.94
CA VAL A 133 10.94 -11.67 -4.23
C VAL A 133 11.70 -12.54 -5.20
N ARG A 134 11.26 -12.62 -6.45
CA ARG A 134 12.07 -13.26 -7.50
C ARG A 134 13.11 -12.24 -7.93
N VAL A 135 14.38 -12.50 -7.64
CA VAL A 135 15.46 -11.62 -8.05
C VAL A 135 16.31 -12.34 -9.07
N LEU A 136 16.70 -11.63 -10.14
CA LEU A 136 17.57 -12.17 -11.21
C LEU A 136 19.00 -11.88 -10.84
N THR A 137 19.57 -12.78 -10.05
CA THR A 137 20.92 -12.63 -9.57
C THR A 137 21.98 -12.87 -10.65
N GLY A 138 21.67 -13.72 -11.62
CA GLY A 138 22.58 -14.02 -12.74
C GLY A 138 24.00 -14.40 -12.32
N ILE A 139 24.98 -13.72 -12.91
CA ILE A 139 26.36 -13.97 -12.61
C ILE A 139 26.83 -12.87 -11.69
N TYR A 140 27.37 -13.25 -10.54
CA TYR A 140 27.77 -12.32 -9.51
C TYR A 140 29.17 -12.55 -8.98
N THR A 141 29.76 -11.47 -8.48
CA THR A 141 31.06 -11.50 -7.87
C THR A 141 30.93 -10.88 -6.49
N HIS A 142 32.04 -10.83 -5.76
CA HIS A 142 32.03 -10.20 -4.47
C HIS A 142 32.03 -8.69 -4.65
N GLY A 143 31.13 -8.02 -3.94
CA GLY A 143 30.92 -6.58 -4.06
C GLY A 143 31.59 -5.78 -2.96
N ASN A 144 31.75 -4.49 -3.25
CA ASN A 144 32.35 -3.49 -2.36
C ASN A 144 31.37 -2.33 -2.29
N HIS A 145 31.56 -1.43 -1.33
CA HIS A 145 30.72 -0.22 -1.22
C HIS A 145 30.86 0.66 -2.48
N ILE A 148 27.53 1.66 -7.37
CA ILE A 148 26.37 2.30 -8.01
C ILE A 148 26.02 1.66 -9.37
N VAL A 149 27.03 1.02 -9.96
CA VAL A 149 26.84 0.08 -11.05
C VAL A 149 27.74 -1.12 -10.69
N PRO A 150 27.35 -2.36 -11.08
CA PRO A 150 28.22 -3.48 -10.74
C PRO A 150 29.57 -3.43 -11.47
N PRO A 151 30.59 -4.11 -10.92
CA PRO A 151 31.87 -4.06 -11.62
C PRO A 151 31.77 -4.81 -12.95
N SER A 152 32.72 -4.58 -13.84
CA SER A 152 32.73 -5.22 -15.15
C SER A 152 33.34 -6.62 -15.04
N LYS A 153 32.77 -7.55 -15.80
CA LYS A 153 33.27 -8.92 -15.82
C LYS A 153 34.67 -8.93 -16.40
N ASN A 154 34.80 -8.47 -17.65
CA ASN A 154 36.05 -8.55 -18.40
C ASN A 154 36.65 -7.18 -18.77
N PRO A 155 37.78 -6.80 -18.13
CA PRO A 155 38.46 -5.55 -18.48
C PRO A 155 38.73 -5.33 -19.97
N GLN A 156 38.84 -6.41 -20.74
CA GLN A 156 39.02 -6.35 -22.21
C GLN A 156 37.67 -6.23 -22.96
N ASN A 157 36.57 -6.25 -22.22
CA ASN A 157 35.20 -6.16 -22.76
C ASN A 157 34.27 -5.53 -21.70
N PRO A 158 34.68 -4.38 -21.13
CA PRO A 158 34.18 -3.89 -19.83
C PRO A 158 32.74 -3.34 -19.74
N THR A 159 31.98 -3.35 -20.83
CA THR A 159 30.56 -3.02 -20.73
C THR A 159 29.75 -4.24 -20.29
N ASP A 160 30.35 -5.43 -20.34
CA ASP A 160 29.69 -6.63 -19.84
C ASP A 160 29.87 -6.70 -18.33
N LEU A 161 28.75 -6.65 -17.62
CA LEU A 161 28.76 -6.42 -16.18
C LEU A 161 28.23 -7.62 -15.45
N TYR A 162 28.64 -7.76 -14.20
CA TYR A 162 28.03 -8.73 -13.31
C TYR A 162 26.58 -8.30 -13.11
N ASP A 163 25.67 -9.26 -13.17
CA ASP A 163 24.25 -8.98 -12.99
C ASP A 163 23.97 -8.47 -11.56
N THR A 164 24.61 -9.10 -10.57
CA THR A 164 24.49 -8.67 -9.17
C THR A 164 25.83 -8.80 -8.49
N VAL A 165 25.95 -8.29 -7.27
CA VAL A 165 27.09 -8.60 -6.42
C VAL A 165 26.63 -9.18 -5.08
N THR A 166 27.54 -9.85 -4.39
CA THR A 166 27.24 -10.55 -3.17
C THR A 166 28.33 -10.39 -2.10
N ASP A 167 28.00 -10.80 -0.87
CA ASP A 167 28.92 -10.66 0.26
C ASP A 167 29.95 -11.81 0.28
N ASN A 168 29.54 -13.01 -0.12
CA ASN A 168 30.45 -14.13 -0.30
C ASN A 168 29.95 -14.97 -1.47
N VAL A 169 30.80 -15.19 -2.47
CA VAL A 169 30.38 -15.82 -3.71
C VAL A 169 29.91 -17.27 -3.54
N HIS A 170 30.67 -18.08 -2.81
CA HIS A 170 30.33 -19.49 -2.70
C HIS A 170 29.46 -19.84 -1.48
N HIS A 171 29.28 -18.88 -0.57
CA HIS A 171 28.32 -19.03 0.51
C HIS A 171 27.62 -17.68 0.82
N PRO A 172 26.82 -17.19 -0.15
CA PRO A 172 26.18 -15.88 -0.09
C PRO A 172 25.01 -15.80 0.87
N SER A 173 24.87 -14.67 1.52
CA SER A 173 23.74 -14.42 2.41
C SER A 173 22.96 -13.16 2.00
N LEU A 174 23.52 -12.35 1.10
CA LEU A 174 22.77 -11.26 0.48
C LEU A 174 23.21 -10.98 -0.95
N PHE A 175 22.33 -10.37 -1.73
CA PHE A 175 22.63 -9.98 -3.10
C PHE A 175 22.19 -8.56 -3.36
N VAL A 176 22.99 -7.82 -4.14
CA VAL A 176 22.62 -6.46 -4.55
C VAL A 176 22.31 -6.35 -6.04
N ALA A 177 21.11 -5.86 -6.35
CA ALA A 177 20.68 -5.60 -7.73
C ALA A 177 20.76 -4.10 -8.02
N PHE A 178 21.23 -3.73 -9.22
CA PHE A 178 21.36 -2.33 -9.60
C PHE A 178 20.50 -1.91 -10.77
N TYR A 179 19.84 -2.86 -11.43
CA TYR A 179 19.15 -2.56 -12.68
C TYR A 179 17.64 -2.64 -12.53
N ASP A 180 16.98 -2.10 -13.53
CA ASP A 180 15.55 -2.01 -13.54
C ASP A 180 14.92 -3.30 -14.00
N TYR A 181 13.82 -3.66 -13.33
CA TYR A 181 12.99 -4.80 -13.66
C TYR A 181 13.73 -6.10 -13.34
N GLN A 182 14.64 -6.01 -12.38
CA GLN A 182 15.54 -7.12 -12.04
C GLN A 182 14.95 -7.96 -10.92
N ALA A 183 13.84 -7.48 -10.35
CA ALA A 183 13.27 -8.10 -9.18
C ALA A 183 11.75 -7.93 -9.22
N TYR A 184 11.02 -9.01 -8.94
CA TYR A 184 9.54 -8.96 -8.84
C TYR A 184 9.08 -9.36 -7.43
N PRO A 185 8.26 -8.52 -6.77
CA PRO A 185 7.80 -8.73 -5.40
C PRO A 185 6.57 -9.63 -5.36
N GLU A 186 6.80 -10.91 -5.57
CA GLU A 186 5.72 -11.85 -5.78
C GLU A 186 4.84 -12.00 -4.56
N TYR A 187 5.42 -12.16 -3.39
CA TYR A 187 4.64 -12.30 -2.17
C TYR A 187 5.02 -11.28 -1.14
N LEU A 188 4.04 -10.86 -0.36
CA LEU A 188 4.29 -10.07 0.83
C LEU A 188 3.84 -10.91 2.02
N ILE A 189 4.67 -10.92 3.06
CA ILE A 189 4.42 -11.63 4.27
C ILE A 189 4.21 -10.57 5.32
N THR A 190 3.04 -10.57 5.95
CA THR A 190 2.76 -9.70 7.07
C THR A 190 2.81 -10.55 8.32
N PHE A 191 3.45 -10.02 9.37
CA PHE A 191 3.68 -10.77 10.60
C PHE A 191 4.01 -9.87 11.77
N ARG A 192 3.85 -10.40 12.99
CA ARG A 192 4.23 -9.66 14.19
C ARG A 192 5.18 -10.48 15.08
N LYS A 193 5.66 -9.83 16.15
CA LYS A 193 6.49 -10.49 17.17
C LYS A 193 5.64 -11.38 18.09
N GLN B 7 -10.92 -9.70 1.16
CA GLN B 7 -10.05 -8.50 1.46
C GLN B 7 -9.08 -8.15 0.30
N ASN B 8 -9.50 -8.45 -0.93
CA ASN B 8 -8.70 -8.32 -2.15
C ASN B 8 -9.06 -7.06 -2.90
N PHE B 9 -8.08 -6.44 -3.56
CA PHE B 9 -8.32 -5.16 -4.21
C PHE B 9 -7.30 -4.87 -5.30
N CYS B 10 -7.62 -3.90 -6.15
CA CYS B 10 -6.67 -3.40 -7.13
C CYS B 10 -6.55 -1.92 -6.95
N VAL B 11 -5.52 -1.35 -7.55
CA VAL B 11 -5.24 0.07 -7.48
C VAL B 11 -4.94 0.57 -8.89
N VAL B 12 -5.82 1.40 -9.44
CA VAL B 12 -5.65 1.91 -10.79
C VAL B 12 -5.26 3.39 -10.72
N GLU B 13 -4.11 3.73 -11.30
CA GLU B 13 -3.65 5.11 -11.34
C GLU B 13 -4.34 5.85 -12.48
N LEU B 14 -4.94 6.99 -12.16
CA LEU B 14 -5.61 7.82 -13.14
C LEU B 14 -4.59 8.73 -13.81
N LEU B 15 -4.69 8.85 -15.14
CA LEU B 15 -3.96 9.85 -15.90
C LEU B 15 -4.48 11.24 -15.56
N PRO B 16 -3.55 12.18 -15.31
CA PRO B 16 -3.85 13.59 -15.18
C PRO B 16 -4.66 14.18 -16.33
N SER B 17 -4.72 13.48 -17.46
CA SER B 17 -5.47 13.93 -18.62
C SER B 17 -6.85 13.28 -18.71
N ASP B 18 -7.23 12.52 -17.68
CA ASP B 18 -8.52 11.84 -17.60
C ASP B 18 -9.54 12.72 -16.84
N PRO B 19 -10.78 12.81 -17.35
CA PRO B 19 -11.89 13.49 -16.67
C PRO B 19 -12.01 13.13 -15.20
N GLU B 20 -11.93 11.84 -14.93
CA GLU B 20 -12.16 11.35 -13.61
C GLU B 20 -11.17 11.95 -12.65
N TYR B 21 -9.89 11.97 -13.05
CA TYR B 21 -8.82 12.64 -12.31
C TYR B 21 -9.17 14.10 -12.10
N ASN B 22 -9.54 14.77 -13.19
CA ASN B 22 -9.85 16.19 -13.19
C ASN B 22 -10.91 16.56 -12.14
N THR B 23 -11.98 15.76 -12.09
CA THR B 23 -13.04 15.96 -11.13
C THR B 23 -12.48 15.92 -9.71
N VAL B 24 -11.66 14.90 -9.42
CA VAL B 24 -11.09 14.72 -8.08
C VAL B 24 -10.08 15.83 -7.82
N ALA B 25 -9.25 16.13 -8.80
CA ALA B 25 -8.28 17.20 -8.69
C ALA B 25 -8.98 18.52 -8.32
N SER B 26 -10.06 18.83 -9.05
CA SER B 26 -10.79 20.08 -8.86
C SER B 26 -11.20 20.27 -7.43
N LYS B 27 -11.79 19.22 -6.86
CA LYS B 27 -12.39 19.35 -5.53
C LYS B 27 -11.28 19.52 -4.51
N PHE B 28 -10.18 18.80 -4.71
CA PHE B 28 -9.00 18.94 -3.90
C PHE B 28 -8.46 20.35 -4.06
N ASN B 29 -8.39 20.81 -5.32
CA ASN B 29 -7.81 22.14 -5.62
C ASN B 29 -8.71 23.32 -5.29
N GLN B 30 -9.94 23.07 -4.86
CA GLN B 30 -10.79 24.15 -4.41
C GLN B 30 -10.25 24.76 -3.12
N THR B 31 -9.46 24.01 -2.37
CA THR B 31 -8.89 24.54 -1.13
C THR B 31 -7.41 24.19 -0.90
N CYS B 32 -6.81 23.41 -1.80
CA CYS B 32 -5.40 23.00 -1.70
C CYS B 32 -4.60 23.24 -2.98
N SER B 33 -4.96 24.28 -3.75
CA SER B 33 -4.24 24.58 -5.00
C SER B 33 -2.77 24.96 -4.76
N HIS B 34 -2.39 25.25 -3.51
CA HIS B 34 -0.99 25.54 -3.17
C HIS B 34 -0.11 24.28 -2.95
N PHE B 35 -0.68 23.09 -3.11
CA PHE B 35 0.09 21.85 -3.14
C PHE B 35 0.20 21.34 -4.58
N ARG B 36 1.18 20.48 -4.83
CA ARG B 36 1.33 19.77 -6.10
C ARG B 36 0.90 18.31 -5.91
N ILE B 37 -0.01 17.85 -6.78
CA ILE B 37 -0.47 16.46 -6.79
C ILE B 37 0.54 15.60 -7.58
N GLU B 38 1.01 14.51 -6.95
CA GLU B 38 1.89 13.51 -7.59
C GLU B 38 1.06 12.49 -8.33
N LYS B 39 0.03 11.97 -7.68
CA LYS B 39 -0.91 11.09 -8.35
C LYS B 39 -2.22 10.91 -7.61
N ILE B 40 -3.18 10.36 -8.34
CA ILE B 40 -4.47 10.02 -7.83
C ILE B 40 -4.74 8.62 -8.34
N GLU B 41 -5.05 7.72 -7.42
CA GLU B 41 -5.36 6.33 -7.75
C GLU B 41 -6.79 6.05 -7.34
N ARG B 42 -7.49 5.25 -8.14
CA ARG B 42 -8.77 4.70 -7.72
C ARG B 42 -8.51 3.36 -7.07
N ILE B 43 -9.20 3.11 -5.97
CA ILE B 43 -9.04 1.91 -5.18
C ILE B 43 -10.26 1.05 -5.42
N GLN B 44 -10.08 -0.08 -6.10
CA GLN B 44 -11.19 -1.01 -6.35
C GLN B 44 -11.07 -2.27 -5.49
N ASN B 45 -11.90 -2.34 -4.44
CA ASN B 45 -11.93 -3.47 -3.50
C ASN B 45 -13.37 -4.01 -3.47
N PRO B 46 -13.67 -5.02 -4.31
CA PRO B 46 -15.08 -5.38 -4.61
C PRO B 46 -15.94 -5.81 -3.41
N ASP B 47 -15.36 -6.53 -2.46
CA ASP B 47 -16.16 -7.00 -1.32
C ASP B 47 -16.45 -5.89 -0.32
N LEU B 48 -15.65 -4.82 -0.34
CA LEU B 48 -15.89 -3.66 0.51
C LEU B 48 -16.91 -2.71 -0.15
N TRP B 49 -16.75 -2.49 -1.45
CA TRP B 49 -17.71 -1.74 -2.25
C TRP B 49 -19.12 -2.34 -2.15
N ASN B 50 -19.24 -3.65 -2.38
CA ASN B 50 -20.54 -4.33 -2.32
C ASN B 50 -21.18 -4.11 -0.96
N SER B 51 -20.39 -4.23 0.11
CA SER B 51 -20.89 -4.01 1.45
C SER B 51 -21.30 -2.56 1.68
N TYR B 52 -20.59 -1.63 1.05
CA TYR B 52 -20.94 -0.21 1.13
C TYR B 52 -22.25 0.06 0.42
N GLN B 53 -22.39 -0.49 -0.79
CA GLN B 53 -23.63 -0.32 -1.57
C GLN B 53 -24.83 -1.00 -0.90
N ALA B 54 -24.59 -2.07 -0.15
CA ALA B 54 -25.66 -2.74 0.57
C ALA B 54 -26.19 -1.82 1.66
N LYS B 55 -25.27 -1.24 2.44
CA LYS B 55 -25.63 -0.26 3.47
C LYS B 55 -26.28 1.00 2.89
N LYS B 56 -25.95 1.35 1.65
CA LYS B 56 -26.53 2.52 1.03
C LYS B 56 -27.98 2.25 0.61
N LYS B 57 -28.18 1.18 -0.16
CA LYS B 57 -29.51 0.73 -0.54
C LYS B 57 -30.45 0.71 0.67
N THR B 58 -29.91 0.28 1.82
CA THR B 58 -30.63 0.30 3.08
C THR B 58 -30.97 1.73 3.48
N MET B 59 -29.93 2.54 3.66
CA MET B 59 -30.07 3.91 4.15
C MET B 59 -31.04 4.69 3.23
N ASP B 60 -30.87 4.56 1.92
CA ASP B 60 -31.77 5.20 0.97
C ASP B 60 -33.23 4.83 1.23
N ALA B 61 -33.47 3.55 1.51
CA ALA B 61 -34.82 3.08 1.79
C ALA B 61 -35.43 3.70 3.07
N LYS B 62 -34.61 4.02 4.07
CA LYS B 62 -35.16 4.43 5.37
C LYS B 62 -35.19 5.95 5.59
N ASN B 63 -34.45 6.72 4.82
CA ASN B 63 -34.29 8.15 5.11
C ASN B 63 -35.02 9.09 4.17
N GLY B 64 -35.97 8.53 3.43
CA GLY B 64 -36.80 9.29 2.50
C GLY B 64 -36.04 10.22 1.60
N GLN B 65 -36.39 11.51 1.66
CA GLN B 65 -35.84 12.53 0.79
C GLN B 65 -34.37 12.87 1.08
N THR B 66 -33.81 12.30 2.13
CA THR B 66 -32.41 12.60 2.48
C THR B 66 -31.39 12.11 1.43
N MET B 67 -30.43 12.98 1.12
CA MET B 67 -29.26 12.63 0.34
C MET B 67 -28.29 12.03 1.32
N ASN B 68 -28.21 10.70 1.35
CA ASN B 68 -27.40 10.01 2.33
C ASN B 68 -25.89 10.09 2.10
N GLU B 69 -25.45 10.35 0.87
CA GLU B 69 -24.02 10.23 0.55
C GLU B 69 -23.34 11.59 0.41
N LYS B 70 -22.12 11.67 0.89
CA LYS B 70 -21.24 12.80 0.56
C LYS B 70 -19.86 12.29 0.21
N GLN B 71 -19.09 13.10 -0.53
CA GLN B 71 -17.69 12.79 -0.80
C GLN B 71 -16.83 13.72 0.01
N LEU B 72 -16.15 13.15 1.01
CA LEU B 72 -15.35 13.90 2.00
C LEU B 72 -13.90 13.45 1.93
N PHE B 73 -13.04 14.19 2.62
CA PHE B 73 -11.62 13.86 2.68
C PHE B 73 -11.21 13.25 4.00
N HIS B 74 -10.15 12.43 3.92
CA HIS B 74 -9.51 11.87 5.09
C HIS B 74 -8.00 11.86 4.85
N GLY B 75 -7.27 12.60 5.68
CA GLY B 75 -5.81 12.54 5.70
C GLY B 75 -5.26 11.42 6.59
N THR B 76 -4.08 10.92 6.24
CA THR B 76 -3.48 9.80 6.97
C THR B 76 -1.98 9.63 6.69
N ASP B 77 -1.28 8.93 7.58
CA ASP B 77 0.14 8.59 7.37
C ASP B 77 0.31 7.60 6.21
N ALA B 78 1.47 7.62 5.57
CA ALA B 78 1.72 6.71 4.44
C ALA B 78 1.51 5.25 4.83
N GLY B 79 1.88 4.90 6.05
CA GLY B 79 1.77 3.53 6.51
C GLY B 79 0.37 2.97 6.64
N SER B 80 -0.64 3.84 6.66
CA SER B 80 -2.03 3.40 6.77
C SER B 80 -2.68 3.06 5.45
N VAL B 81 -2.05 3.44 4.37
CA VAL B 81 -2.67 3.27 3.06
C VAL B 81 -3.01 1.80 2.80
N PRO B 82 -2.06 0.89 3.06
CA PRO B 82 -2.33 -0.52 2.80
C PRO B 82 -3.48 -1.04 3.62
N HIS B 83 -3.51 -0.65 4.88
CA HIS B 83 -4.59 -1.00 5.77
C HIS B 83 -5.97 -0.53 5.29
N VAL B 84 -6.06 0.75 4.95
CA VAL B 84 -7.32 1.26 4.42
C VAL B 84 -7.70 0.53 3.12
N ASN B 85 -6.77 0.40 2.20
CA ASN B 85 -7.07 -0.21 0.91
C ASN B 85 -7.72 -1.58 1.05
N ARG B 86 -7.27 -2.32 2.05
CA ARG B 86 -7.85 -3.62 2.42
C ARG B 86 -9.15 -3.51 3.21
N ASN B 87 -9.08 -2.85 4.36
CA ASN B 87 -10.14 -2.90 5.36
C ASN B 87 -11.00 -1.64 5.41
N GLY B 88 -10.70 -0.67 4.55
CA GLY B 88 -11.39 0.61 4.59
C GLY B 88 -11.21 1.28 5.93
N PHE B 89 -12.29 1.84 6.47
CA PHE B 89 -12.21 2.54 7.75
C PHE B 89 -12.86 1.73 8.89
N ASN B 90 -12.75 0.41 8.79
CA ASN B 90 -13.40 -0.52 9.68
C ASN B 90 -12.56 -0.94 10.89
N ARG B 91 -13.00 -0.52 12.08
CA ARG B 91 -12.64 -1.12 13.38
C ARG B 91 -11.20 -0.91 13.90
N SER B 92 -10.21 -1.63 13.36
CA SER B 92 -8.84 -1.58 13.90
C SER B 92 -7.96 -0.44 13.32
N TYR B 93 -8.59 0.57 12.72
CA TYR B 93 -7.88 1.71 12.17
C TYR B 93 -7.35 2.62 13.30
N ALA B 94 -6.02 2.61 13.50
CA ALA B 94 -5.38 3.39 14.57
C ALA B 94 -5.34 4.88 14.24
N GLY B 95 -5.18 5.20 12.95
CA GLY B 95 -5.16 6.59 12.48
C GLY B 95 -6.53 7.23 12.50
N GLY B 102 -16.56 12.08 19.20
CA GLY B 102 -16.68 10.62 19.23
C GLY B 102 -15.36 9.86 19.08
N LYS B 103 -15.47 8.53 19.08
CA LYS B 103 -14.36 7.60 18.79
C LYS B 103 -14.76 6.74 17.55
N GLY B 104 -14.92 7.42 16.43
CA GLY B 104 -15.16 6.76 15.14
C GLY B 104 -14.07 7.21 14.20
N THR B 105 -14.42 7.50 12.96
CA THR B 105 -13.46 8.03 11.99
C THR B 105 -13.92 9.39 11.47
N TYR B 106 -13.00 10.33 11.41
CA TYR B 106 -13.35 11.68 11.03
C TYR B 106 -13.12 11.92 9.54
N PHE B 107 -13.94 12.79 8.99
CA PHE B 107 -13.91 13.12 7.57
C PHE B 107 -14.19 14.61 7.36
N ALA B 108 -13.33 15.27 6.58
CA ALA B 108 -13.45 16.70 6.31
C ALA B 108 -14.16 16.98 4.97
N VAL B 109 -14.98 18.02 4.97
CA VAL B 109 -15.64 18.53 3.77
C VAL B 109 -14.58 19.18 2.86
N ASN B 110 -13.71 19.97 3.47
CA ASN B 110 -12.64 20.67 2.79
C ASN B 110 -11.30 19.97 2.91
N ALA B 111 -10.62 19.78 1.78
CA ALA B 111 -9.39 19.00 1.72
C ALA B 111 -8.25 19.62 2.52
N ASN B 112 -8.22 20.95 2.63
CA ASN B 112 -7.11 21.59 3.35
C ASN B 112 -7.14 21.33 4.85
N TYR B 113 -8.32 21.04 5.39
CA TYR B 113 -8.41 20.53 6.75
C TYR B 113 -7.58 19.24 6.82
N SER B 114 -7.93 18.26 5.99
CA SER B 114 -7.23 16.98 5.92
C SER B 114 -5.74 17.10 5.54
N ALA B 115 -5.40 18.16 4.81
CA ALA B 115 -4.05 18.39 4.34
C ALA B 115 -3.11 18.89 5.44
N ASN B 116 -3.60 19.06 6.65
CA ASN B 116 -2.74 19.38 7.78
C ASN B 116 -1.72 18.27 7.99
N ASP B 117 -0.50 18.63 8.35
CA ASP B 117 0.56 17.65 8.59
C ASP B 117 0.21 16.71 9.74
N THR B 118 -0.67 17.15 10.63
CA THR B 118 -1.16 16.36 11.75
C THR B 118 -1.77 15.03 11.32
N TYR B 119 -2.59 15.05 10.27
CA TYR B 119 -3.33 13.88 9.80
C TYR B 119 -2.59 13.20 8.65
N SER B 120 -2.39 13.94 7.56
CA SER B 120 -1.58 13.46 6.44
C SER B 120 -0.11 13.80 6.69
N ARG B 121 0.54 12.96 7.47
CA ARG B 121 1.95 13.14 7.87
C ARG B 121 2.88 12.96 6.67
N PRO B 122 3.71 13.98 6.37
CA PRO B 122 4.69 13.85 5.28
C PRO B 122 5.60 12.66 5.48
N ASP B 123 5.75 11.83 4.47
CA ASP B 123 6.57 10.62 4.56
C ASP B 123 8.07 10.94 4.36
N ALA B 124 8.90 9.91 4.33
CA ALA B 124 10.36 10.11 4.21
C ALA B 124 10.72 11.04 3.06
N ASN B 125 9.94 10.97 1.98
CA ASN B 125 10.17 11.76 0.78
C ASN B 125 9.28 12.99 0.65
N GLY B 126 8.61 13.39 1.73
CA GLY B 126 7.77 14.59 1.75
C GLY B 126 6.38 14.44 1.20
N ARG B 127 6.01 13.21 0.82
CA ARG B 127 4.70 12.95 0.22
C ARG B 127 3.55 12.85 1.26
N LYS B 128 2.41 13.43 0.88
CA LYS B 128 1.22 13.48 1.72
C LYS B 128 0.11 12.69 1.06
N HIS B 129 -0.69 12.00 1.87
CA HIS B 129 -1.76 11.14 1.39
C HIS B 129 -3.09 11.52 2.01
N VAL B 130 -4.07 11.70 1.14
CA VAL B 130 -5.42 12.05 1.52
C VAL B 130 -6.37 11.30 0.63
N TYR B 131 -7.27 10.54 1.24
CA TYR B 131 -8.34 9.87 0.50
C TYR B 131 -9.52 10.81 0.24
N TYR B 132 -10.20 10.57 -0.87
CA TYR B 132 -11.46 11.23 -1.19
C TYR B 132 -12.48 10.10 -1.12
N VAL B 133 -13.42 10.21 -0.19
CA VAL B 133 -14.19 9.06 0.27
C VAL B 133 -15.70 9.20 0.09
N ARG B 134 -16.37 8.15 -0.38
CA ARG B 134 -17.85 8.10 -0.32
C ARG B 134 -18.24 7.81 1.11
N VAL B 135 -19.06 8.66 1.70
CA VAL B 135 -19.49 8.44 3.07
C VAL B 135 -20.99 8.56 3.16
N LEU B 136 -21.58 7.58 3.84
CA LEU B 136 -23.01 7.56 4.13
C LEU B 136 -23.23 8.35 5.40
N THR B 137 -23.33 9.67 5.23
CA THR B 137 -23.49 10.57 6.36
C THR B 137 -24.90 10.43 6.94
N GLY B 138 -25.86 10.13 6.09
CA GLY B 138 -27.24 9.87 6.49
C GLY B 138 -27.88 10.98 7.30
N ILE B 139 -28.40 10.63 8.47
CA ILE B 139 -29.01 11.61 9.33
C ILE B 139 -28.04 11.91 10.46
N TYR B 140 -27.75 13.18 10.67
CA TYR B 140 -26.73 13.58 11.62
C TYR B 140 -27.11 14.78 12.51
N THR B 141 -26.32 14.95 13.57
CA THR B 141 -26.58 15.93 14.61
C THR B 141 -25.25 16.45 15.16
N HIS B 142 -25.27 17.60 15.86
CA HIS B 142 -24.10 18.02 16.65
C HIS B 142 -23.90 16.95 17.74
N GLY B 143 -22.66 16.69 18.12
CA GLY B 143 -22.36 15.61 19.05
C GLY B 143 -21.21 15.83 20.00
N ASN B 144 -21.26 15.15 21.15
CA ASN B 144 -20.20 15.22 22.14
C ASN B 144 -19.20 14.06 21.94
N HIS B 145 -18.19 14.02 22.80
CA HIS B 145 -17.06 13.12 22.69
C HIS B 145 -17.44 11.69 23.10
N ILE B 148 -18.63 6.08 21.46
CA ILE B 148 -18.21 5.09 20.48
C ILE B 148 -19.34 4.76 19.49
N VAL B 149 -20.58 5.03 19.90
CA VAL B 149 -21.74 4.98 19.01
C VAL B 149 -22.54 6.28 19.21
N PRO B 150 -23.27 6.73 18.16
CA PRO B 150 -23.97 8.03 18.26
C PRO B 150 -25.28 7.91 19.03
N PRO B 151 -25.76 9.03 19.61
CA PRO B 151 -26.92 8.94 20.53
C PRO B 151 -28.23 8.48 19.84
N SER B 152 -29.25 8.15 20.63
CA SER B 152 -30.53 7.66 20.07
C SER B 152 -31.34 8.83 19.54
N LYS B 153 -31.96 8.65 18.38
CA LYS B 153 -32.75 9.70 17.74
C LYS B 153 -33.91 10.08 18.64
N ASN B 154 -34.83 9.14 18.86
CA ASN B 154 -35.98 9.33 19.75
C ASN B 154 -35.75 8.68 21.13
N PRO B 155 -35.70 9.51 22.20
CA PRO B 155 -35.85 8.97 23.56
C PRO B 155 -37.20 8.23 23.82
N GLN B 156 -38.20 8.47 22.97
CA GLN B 156 -39.46 7.71 22.98
C GLN B 156 -39.49 6.56 21.95
N ASN B 157 -38.35 6.26 21.33
CA ASN B 157 -38.22 5.16 20.36
C ASN B 157 -36.73 4.81 20.17
N PRO B 158 -36.04 4.45 21.28
CA PRO B 158 -34.58 4.57 21.42
C PRO B 158 -33.68 3.45 20.88
N THR B 159 -34.08 2.80 19.78
CA THR B 159 -33.15 1.93 19.06
C THR B 159 -32.45 2.75 17.95
N ASP B 160 -33.24 3.27 17.00
CA ASP B 160 -32.69 3.97 15.84
C ASP B 160 -31.67 5.03 16.29
N LEU B 161 -30.50 5.03 15.64
CA LEU B 161 -29.42 5.94 15.96
C LEU B 161 -29.07 6.84 14.78
N TYR B 162 -28.51 8.02 15.10
CA TYR B 162 -27.98 8.94 14.08
C TYR B 162 -26.88 8.25 13.28
N ASP B 163 -26.83 8.51 11.97
CA ASP B 163 -25.86 7.86 11.11
C ASP B 163 -24.44 8.43 11.28
N THR B 164 -24.32 9.74 11.52
CA THR B 164 -23.05 10.38 11.88
C THR B 164 -23.30 11.57 12.80
N VAL B 165 -22.23 12.20 13.29
CA VAL B 165 -22.35 13.46 14.02
C VAL B 165 -21.45 14.51 13.36
N THR B 166 -21.79 15.79 13.52
CA THR B 166 -21.05 16.87 12.86
C THR B 166 -20.66 17.98 13.85
N ASP B 167 -19.83 18.90 13.39
CA ASP B 167 -19.42 20.03 14.22
C ASP B 167 -20.53 21.11 14.27
N ASN B 168 -21.23 21.25 13.15
CA ASN B 168 -22.30 22.21 12.98
C ASN B 168 -23.27 21.69 11.91
N VAL B 169 -24.53 21.50 12.27
CA VAL B 169 -25.48 20.76 11.46
C VAL B 169 -25.82 21.55 10.21
N HIS B 170 -26.11 22.84 10.38
CA HIS B 170 -26.51 23.68 9.26
C HIS B 170 -25.32 24.15 8.39
N HIS B 171 -24.13 24.22 8.97
CA HIS B 171 -22.94 24.56 8.18
C HIS B 171 -21.74 23.65 8.50
N PRO B 172 -21.81 22.39 8.04
CA PRO B 172 -20.83 21.38 8.42
C PRO B 172 -19.50 21.53 7.72
N SER B 173 -18.43 21.28 8.48
CA SER B 173 -17.09 21.15 7.93
C SER B 173 -16.48 19.76 8.20
N LEU B 174 -16.96 19.04 9.21
CA LEU B 174 -16.47 17.68 9.47
C LEU B 174 -17.52 16.70 10.00
N PHE B 175 -17.41 15.43 9.60
CA PHE B 175 -18.35 14.37 9.98
C PHE B 175 -17.62 13.24 10.66
N VAL B 176 -18.36 12.46 11.44
CA VAL B 176 -17.82 11.32 12.14
C VAL B 176 -18.76 10.12 11.99
N ALA B 177 -18.32 9.12 11.22
CA ALA B 177 -19.01 7.84 11.08
C ALA B 177 -18.50 6.84 12.11
N PHE B 178 -19.36 5.89 12.48
CA PHE B 178 -19.08 4.90 13.54
C PHE B 178 -19.33 3.45 13.17
N TYR B 179 -20.20 3.20 12.20
CA TYR B 179 -20.55 1.84 11.83
C TYR B 179 -19.63 1.37 10.71
N ASP B 180 -19.54 0.06 10.54
CA ASP B 180 -18.70 -0.52 9.51
C ASP B 180 -19.39 -0.40 8.14
N TYR B 181 -18.58 -0.29 7.09
CA TYR B 181 -19.06 -0.23 5.70
C TYR B 181 -19.83 1.04 5.42
N GLN B 182 -19.55 2.06 6.21
CA GLN B 182 -20.22 3.34 6.14
C GLN B 182 -19.48 4.31 5.22
N ALA B 183 -18.24 3.98 4.92
CA ALA B 183 -17.36 4.82 4.11
C ALA B 183 -16.50 3.95 3.21
N TYR B 184 -16.39 4.31 1.94
CA TYR B 184 -15.53 3.61 0.96
C TYR B 184 -14.44 4.53 0.44
N PRO B 185 -13.17 4.10 0.50
CA PRO B 185 -12.08 4.98 0.10
C PRO B 185 -11.87 4.99 -1.42
N GLU B 186 -12.63 5.79 -2.15
CA GLU B 186 -12.63 5.64 -3.60
C GLU B 186 -11.30 6.03 -4.22
N TYR B 187 -10.79 7.22 -3.89
CA TYR B 187 -9.54 7.70 -4.47
C TYR B 187 -8.49 8.03 -3.42
N LEU B 188 -7.21 7.86 -3.79
CA LEU B 188 -6.08 8.26 -2.97
C LEU B 188 -5.32 9.33 -3.73
N ILE B 189 -5.02 10.44 -3.06
CA ILE B 189 -4.29 11.56 -3.65
C ILE B 189 -2.92 11.65 -2.96
N THR B 190 -1.85 11.47 -3.71
CA THR B 190 -0.51 11.65 -3.17
C THR B 190 0.02 12.98 -3.67
N PHE B 191 0.52 13.80 -2.76
CA PHE B 191 0.86 15.18 -3.08
C PHE B 191 2.03 15.67 -2.26
N ARG B 192 2.49 16.90 -2.53
CA ARG B 192 3.63 17.48 -1.78
C ARG B 192 3.56 19.00 -1.66
N LYS B 193 4.29 19.53 -0.70
CA LYS B 193 4.28 20.98 -0.41
C LYS B 193 5.05 21.69 -1.51
OAB 0RZ C . 20.58 1.25 2.25
CAM 0RZ C . 21.41 0.48 2.77
OAE 0RZ C . 22.57 0.87 3.05
CAF 0RZ C . 21.00 -0.95 3.06
CAG 0RZ C . 21.99 -1.96 3.69
CAO 0RZ C . 21.54 -3.41 3.97
OAD 0RZ C . 22.30 -4.23 4.49
NAL 0RZ C . 20.25 -3.63 3.65
CAP 0RZ C . 19.67 -4.82 3.67
CAK 0RZ C . 18.28 -4.78 3.65
CAI 0RZ C . 20.33 -6.05 3.60
CAH 0RZ C . 19.59 -7.23 3.55
CAJ 0RZ C . 18.19 -7.19 3.56
CAQ 0RZ C . 17.53 -5.96 3.61
CAN 0RZ C . 16.16 -5.90 3.62
OAC 0RZ C . 15.51 -6.83 4.07
NAA 0RZ C . 15.63 -4.81 3.08
N NO3 D . -1.15 -1.78 -1.08
O1 NO3 D . -0.73 -3.11 -1.07
O2 NO3 D . -1.95 -1.33 -0.06
O3 NO3 D . -0.78 -0.87 -2.06
OAB 0RZ E . -9.23 12.48 18.28
CAM 0RZ E . -9.26 11.78 17.25
OAE 0RZ E . -9.13 10.53 17.32
CAF 0RZ E . -9.44 12.44 15.88
CAG 0RZ E . -9.58 13.98 15.82
CAO 0RZ E . -9.78 14.73 14.48
OAD 0RZ E . -9.90 15.95 14.48
NAL 0RZ E . -9.77 13.94 13.38
CAP 0RZ E . -9.95 14.42 12.14
CAK 0RZ E . -9.17 13.88 11.12
CAI 0RZ E . -10.95 15.36 11.82
CAH 0RZ E . -11.12 15.76 10.50
CAJ 0RZ E . -10.31 15.24 9.49
CAQ 0RZ E . -9.34 14.29 9.79
CAN 0RZ E . -8.54 13.77 8.78
OAC 0RZ E . -8.28 14.45 7.79
NAA 0RZ E . -8.13 12.52 8.93
#